data_4ZDM
#
_entry.id   4ZDM
#
_cell.length_a   159.850
_cell.length_b   159.850
_cell.length_c   55.614
_cell.angle_alpha   90.00
_cell.angle_beta   90.00
_cell.angle_gamma   120.00
#
_symmetry.space_group_name_H-M   'P 65 2 2'
#
loop_
_entity.id
_entity.type
_entity.pdbx_description
1 polymer 'Glutamate receptor kainate-like protein'
2 non-polymer GLYCINE
3 non-polymer 'SULFATE ION'
4 non-polymer 'SODIUM ION'
5 water water
#
_entity_poly.entity_id   1
_entity_poly.type   'polypeptide(L)'
_entity_poly.pdbx_seq_one_letter_code
;GSNNLNGMHLRLGIIPEMPFISEPSLGCTNIRDPSCYTGVNVEIVSMMSQDLNFTYNFITPEDLKFGGKNSTTGEWNGLI
RDLLDNKTDMIVVALSNNAVRKADIDFSLSMMDGGLGALVKSDGTDLSHPLELLNQDKYQWGVVDSRNPELLLASNQNAD
YNRIAEDAVKVGSYGEGLERMRAGGFVFIDEIPGINYATKGECDIVQIGETFQPFELAFGLRKNSPFKNLVDTFMLGIRE
QGVISELYAKYENQKASKPCN
;
_entity_poly.pdbx_strand_id   A
#
# COMPACT_ATOMS: atom_id res chain seq x y z
N SER A 2 11.44 12.00 25.11
CA SER A 2 12.87 11.85 25.31
C SER A 2 13.36 10.42 25.08
N ASN A 3 12.57 9.43 25.53
CA ASN A 3 12.93 8.00 25.35
C ASN A 3 12.99 7.60 23.88
N ASN A 4 14.03 6.85 23.51
CA ASN A 4 14.26 6.61 22.13
C ASN A 4 15.13 5.34 21.97
N LEU A 5 15.51 5.08 20.73
CA LEU A 5 16.25 3.84 20.41
C LEU A 5 17.77 3.91 20.42
N ASN A 6 18.31 5.03 20.89
N ASN A 6 18.30 5.05 20.84
CA ASN A 6 19.74 5.14 21.20
CA ASN A 6 19.71 5.17 21.19
C ASN A 6 20.64 4.76 20.04
C ASN A 6 20.62 4.77 20.06
N GLY A 7 20.26 5.14 18.83
CA GLY A 7 21.11 4.90 17.70
C GLY A 7 21.08 3.52 17.08
N MET A 8 20.04 2.77 17.39
CA MET A 8 19.78 1.51 16.72
C MET A 8 19.75 1.70 15.22
N HIS A 9 20.19 0.69 14.49
CA HIS A 9 20.11 0.67 13.04
C HIS A 9 18.97 -0.23 12.59
N LEU A 10 18.09 0.29 11.77
CA LEU A 10 16.98 -0.47 11.19
C LEU A 10 17.05 -0.58 9.70
N ARG A 11 16.67 -1.71 9.16
CA ARG A 11 16.47 -1.89 7.73
C ARG A 11 14.97 -1.83 7.50
N LEU A 12 14.56 -0.98 6.56
CA LEU A 12 13.15 -0.67 6.33
C LEU A 12 12.75 -1.15 4.94
N GLY A 13 11.66 -1.91 4.88
CA GLY A 13 11.21 -2.49 3.65
C GLY A 13 10.37 -1.53 2.82
N ILE A 14 10.69 -1.38 1.53
CA ILE A 14 10.01 -0.47 0.62
C ILE A 14 9.70 -1.16 -0.70
N ILE A 15 8.66 -0.66 -1.37
CA ILE A 15 8.36 -0.86 -2.78
C ILE A 15 7.99 0.51 -3.29
N PRO A 16 8.58 0.98 -4.39
CA PRO A 16 8.14 2.24 -4.97
C PRO A 16 6.68 2.17 -5.42
N GLU A 17 5.94 3.18 -5.00
CA GLU A 17 4.53 3.40 -5.38
C GLU A 17 4.16 4.75 -4.86
N MET A 18 3.98 5.73 -5.74
CA MET A 18 3.53 7.03 -5.33
C MET A 18 2.07 7.00 -4.97
N PRO A 19 1.66 7.88 -4.02
CA PRO A 19 2.43 9.00 -3.46
C PRO A 19 3.25 8.66 -2.22
N PHE A 20 3.31 7.37 -1.89
CA PHE A 20 3.90 6.94 -0.63
C PHE A 20 5.43 6.89 -0.69
N ILE A 21 5.98 6.27 -1.75
CA ILE A 21 7.44 6.11 -1.95
C ILE A 21 7.73 6.23 -3.42
N SER A 22 8.68 7.09 -3.77
CA SER A 22 9.06 7.19 -5.19
C SER A 22 9.94 6.06 -5.69
N GLU A 23 10.10 5.97 -7.02
CA GLU A 23 11.24 5.24 -7.55
C GLU A 23 12.54 5.90 -7.06
N PRO A 24 13.62 5.15 -7.02
CA PRO A 24 14.94 5.76 -6.72
C PRO A 24 15.30 6.77 -7.81
N SER A 25 15.94 7.86 -7.42
CA SER A 25 16.47 8.82 -8.40
C SER A 25 17.25 8.09 -9.47
N LEU A 26 17.28 8.72 -10.65
CA LEU A 26 18.06 8.15 -11.74
C LEU A 26 19.57 8.26 -11.49
N GLY A 27 19.98 9.26 -10.72
CA GLY A 27 21.37 9.35 -10.30
C GLY A 27 21.81 8.51 -9.12
N CYS A 28 20.88 7.77 -8.54
CA CYS A 28 21.20 7.00 -7.35
C CYS A 28 22.36 6.04 -7.51
N THR A 29 23.28 6.05 -6.56
CA THR A 29 24.41 5.13 -6.59
C THR A 29 24.27 3.93 -5.66
N ASN A 30 23.19 3.91 -4.88
CA ASN A 30 22.94 2.82 -3.94
C ASN A 30 21.43 2.82 -3.62
N ILE A 31 20.74 1.82 -4.13
CA ILE A 31 19.29 1.68 -4.09
C ILE A 31 18.76 1.64 -2.66
N ARG A 32 19.63 1.35 -1.70
CA ARG A 32 19.26 1.34 -0.28
C ARG A 32 19.29 2.70 0.36
N ASP A 33 19.85 3.71 -0.32
CA ASP A 33 20.04 5.03 0.28
C ASP A 33 18.77 5.85 0.31
N PRO A 34 18.22 6.18 1.50
CA PRO A 34 16.99 6.94 1.56
C PRO A 34 17.04 8.30 0.86
N SER A 35 18.22 8.87 0.70
CA SER A 35 18.33 10.17 0.06
C SER A 35 17.96 10.11 -1.40
N CYS A 36 17.86 8.92 -1.98
CA CYS A 36 17.49 8.76 -3.37
C CYS A 36 15.98 8.78 -3.59
N TYR A 37 15.19 8.96 -2.52
CA TYR A 37 13.74 8.83 -2.57
C TYR A 37 12.99 10.03 -2.05
N THR A 38 11.75 10.17 -2.53
CA THR A 38 10.76 11.10 -1.99
C THR A 38 9.46 10.34 -1.75
N GLY A 39 8.45 11.02 -1.20
CA GLY A 39 7.14 10.45 -0.95
C GLY A 39 6.68 10.68 0.48
N VAL A 40 5.39 10.53 0.68
CA VAL A 40 4.76 10.71 1.98
C VAL A 40 5.47 9.90 3.05
N ASN A 41 5.67 8.64 2.75
CA ASN A 41 6.17 7.72 3.78
C ASN A 41 7.68 7.90 4.00
N VAL A 42 8.42 8.34 2.95
CA VAL A 42 9.83 8.65 3.07
C VAL A 42 9.97 9.81 4.05
N GLU A 43 9.10 10.82 3.91
CA GLU A 43 9.16 11.93 4.85
C GLU A 43 8.71 11.53 6.27
N ILE A 44 7.70 10.66 6.39
CA ILE A 44 7.33 10.16 7.70
C ILE A 44 8.50 9.46 8.37
N VAL A 45 9.18 8.61 7.64
CA VAL A 45 10.31 7.88 8.21
C VAL A 45 11.45 8.82 8.60
N SER A 46 11.74 9.82 7.78
CA SER A 46 12.77 10.77 8.16
C SER A 46 12.46 11.46 9.47
N MET A 47 11.23 11.92 9.65
N MET A 47 11.22 11.92 9.62
CA MET A 47 10.85 12.55 10.89
CA MET A 47 10.76 12.54 10.86
C MET A 47 10.87 11.56 12.06
C MET A 47 10.87 11.56 12.03
N MET A 48 10.44 10.32 11.80
CA MET A 48 10.44 9.31 12.84
C MET A 48 11.85 8.97 13.30
N SER A 49 12.78 8.89 12.38
N SER A 49 12.77 8.88 12.33
CA SER A 49 14.13 8.55 12.74
CA SER A 49 14.18 8.57 12.58
C SER A 49 14.74 9.63 13.62
C SER A 49 14.82 9.62 13.48
N GLN A 50 14.41 10.89 13.32
CA GLN A 50 14.96 12.01 14.10
C GLN A 50 14.40 11.98 15.50
N ASP A 51 13.11 11.68 15.67
CA ASP A 51 12.49 11.58 16.97
C ASP A 51 12.92 10.35 17.76
N LEU A 52 12.91 9.20 17.13
CA LEU A 52 13.20 7.94 17.81
C LEU A 52 14.69 7.61 17.82
N ASN A 53 15.51 8.38 17.15
CA ASN A 53 16.97 8.22 17.22
C ASN A 53 17.41 6.85 16.72
N PHE A 54 17.09 6.59 15.47
CA PHE A 54 17.58 5.40 14.79
C PHE A 54 18.17 5.79 13.45
N THR A 55 19.12 4.98 12.98
CA THR A 55 19.63 5.10 11.64
C THR A 55 18.95 4.04 10.78
N TYR A 56 18.94 4.20 9.45
CA TYR A 56 18.21 3.30 8.59
C TYR A 56 18.66 3.33 7.16
N ASN A 57 18.41 2.22 6.48
CA ASN A 57 18.46 2.13 5.05
C ASN A 57 17.23 1.41 4.55
N PHE A 58 16.99 1.46 3.26
CA PHE A 58 15.84 0.83 2.66
C PHE A 58 16.21 -0.44 1.97
N ILE A 59 15.34 -1.45 1.94
CA ILE A 59 15.59 -2.68 1.23
C ILE A 59 14.34 -2.99 0.45
N THR A 60 14.47 -3.17 -0.85
CA THR A 60 13.37 -3.51 -1.76
C THR A 60 13.39 -5.01 -2.04
N PRO A 61 12.26 -5.71 -1.88
CA PRO A 61 12.31 -7.15 -2.14
C PRO A 61 12.58 -7.43 -3.59
N GLU A 62 13.35 -8.50 -3.82
CA GLU A 62 13.67 -8.90 -5.18
C GLU A 62 12.41 -9.10 -6.04
N ASP A 63 11.38 -9.68 -5.44
CA ASP A 63 10.16 -10.01 -6.17
C ASP A 63 9.17 -8.88 -6.37
N LEU A 64 9.47 -7.71 -5.78
CA LEU A 64 8.67 -6.52 -5.91
C LEU A 64 7.19 -6.75 -5.55
N LYS A 65 6.94 -7.65 -4.59
CA LYS A 65 5.60 -7.95 -4.12
C LYS A 65 5.35 -7.38 -2.72
N PHE A 66 4.12 -6.95 -2.46
CA PHE A 66 3.82 -6.42 -1.12
C PHE A 66 3.77 -7.53 -0.11
N GLY A 67 3.09 -8.60 -0.40
CA GLY A 67 3.10 -9.73 0.46
C GLY A 67 1.83 -10.50 0.40
N GLY A 68 1.95 -11.71 -0.16
CA GLY A 68 0.90 -12.69 -0.11
C GLY A 68 1.43 -14.02 0.45
N LYS A 69 0.53 -14.86 0.97
CA LYS A 69 0.84 -16.13 1.70
C LYS A 69 0.50 -17.34 0.82
N GLU A 75 3.69 -19.96 3.42
CA GLU A 75 4.89 -19.11 3.28
C GLU A 75 4.73 -17.81 2.48
N TRP A 76 5.05 -16.74 3.18
CA TRP A 76 4.91 -15.42 2.57
C TRP A 76 5.96 -15.07 1.52
N ASN A 77 5.67 -14.08 0.69
CA ASN A 77 6.63 -13.50 -0.24
C ASN A 77 6.72 -12.00 -0.01
N GLY A 78 7.46 -11.30 -0.85
CA GLY A 78 7.45 -9.84 -0.84
C GLY A 78 8.03 -9.22 0.41
N LEU A 79 7.49 -8.06 0.75
CA LEU A 79 7.95 -7.32 1.91
C LEU A 79 7.78 -8.12 3.20
N ILE A 80 6.69 -8.85 3.29
CA ILE A 80 6.40 -9.60 4.52
C ILE A 80 7.40 -10.74 4.70
N ARG A 81 7.79 -11.43 3.63
N ARG A 81 7.75 -11.43 3.62
CA ARG A 81 8.81 -12.45 3.80
CA ARG A 81 8.84 -12.42 3.67
C ARG A 81 10.17 -11.86 4.23
C ARG A 81 10.10 -11.82 4.26
N ASP A 82 10.53 -10.68 3.72
CA ASP A 82 11.78 -10.06 4.14
C ASP A 82 11.72 -9.70 5.62
N LEU A 83 10.59 -9.20 6.10
CA LEU A 83 10.41 -8.86 7.52
C LEU A 83 10.48 -10.11 8.41
N LEU A 84 9.75 -11.16 8.03
CA LEU A 84 9.80 -12.39 8.82
C LEU A 84 11.16 -13.04 8.85
N ASP A 85 11.90 -12.88 7.78
CA ASP A 85 13.25 -13.43 7.70
C ASP A 85 14.30 -12.57 8.39
N ASN A 86 13.93 -11.41 8.93
CA ASN A 86 14.87 -10.49 9.55
C ASN A 86 15.79 -9.82 8.55
N LYS A 87 15.45 -9.85 7.27
CA LYS A 87 16.17 -9.04 6.31
C LYS A 87 15.86 -7.56 6.55
N THR A 88 14.59 -7.26 6.83
CA THR A 88 14.18 -5.96 7.30
C THR A 88 13.62 -6.03 8.69
N ASP A 89 13.52 -4.87 9.34
CA ASP A 89 12.97 -4.74 10.69
C ASP A 89 11.60 -4.07 10.76
N MET A 90 11.21 -3.34 9.71
CA MET A 90 9.92 -2.72 9.67
C MET A 90 9.58 -2.44 8.22
N ILE A 91 8.32 -2.62 7.84
CA ILE A 91 7.85 -2.35 6.48
C ILE A 91 7.24 -0.97 6.49
N VAL A 92 7.68 -0.10 5.58
CA VAL A 92 7.26 1.31 5.60
C VAL A 92 6.57 1.77 4.33
N VAL A 93 6.06 0.86 3.52
CA VAL A 93 5.02 1.18 2.55
C VAL A 93 3.74 1.47 3.31
N ALA A 94 2.69 1.87 2.60
CA ALA A 94 1.35 1.89 3.17
C ALA A 94 0.85 0.47 3.11
N LEU A 95 1.15 -0.25 4.19
CA LEU A 95 0.86 -1.69 4.22
C LEU A 95 -0.52 -1.93 4.78
N SER A 96 -1.37 -2.56 3.98
CA SER A 96 -2.73 -2.77 4.37
C SER A 96 -2.85 -3.84 5.43
N ASN A 97 -3.61 -3.50 6.50
CA ASN A 97 -3.84 -4.37 7.61
C ASN A 97 -5.03 -5.24 7.28
N ASN A 98 -4.77 -6.52 7.08
CA ASN A 98 -5.84 -7.49 6.88
C ASN A 98 -5.60 -8.65 7.81
N ALA A 99 -6.64 -9.48 8.00
CA ALA A 99 -6.58 -10.50 9.01
C ALA A 99 -5.58 -11.59 8.68
N VAL A 100 -5.38 -11.89 7.42
CA VAL A 100 -4.43 -12.93 7.10
C VAL A 100 -2.98 -12.49 7.46
N ARG A 101 -2.62 -11.24 7.13
CA ARG A 101 -1.34 -10.73 7.56
C ARG A 101 -1.20 -10.58 9.05
N LYS A 102 -2.22 -10.08 9.72
CA LYS A 102 -2.17 -9.80 11.15
C LYS A 102 -1.99 -11.10 11.96
N ALA A 103 -2.31 -12.26 11.37
CA ALA A 103 -2.04 -13.51 12.06
C ALA A 103 -0.56 -13.71 12.29
N ASP A 104 0.25 -13.19 11.40
CA ASP A 104 1.67 -13.51 11.36
C ASP A 104 2.62 -12.30 11.62
N ILE A 105 2.19 -11.06 11.39
CA ILE A 105 2.95 -9.84 11.73
C ILE A 105 2.04 -8.88 12.48
N ASP A 106 2.64 -7.90 13.09
CA ASP A 106 1.94 -6.78 13.72
C ASP A 106 1.89 -5.59 12.78
N PHE A 107 0.90 -4.75 13.01
CA PHE A 107 0.75 -3.47 12.32
C PHE A 107 0.86 -2.36 13.35
N SER A 108 1.55 -1.32 12.94
CA SER A 108 1.58 -0.10 13.74
C SER A 108 0.21 0.53 13.78
N LEU A 109 0.10 1.51 14.68
CA LEU A 109 -0.98 2.47 14.58
C LEU A 109 -0.97 3.03 13.16
N SER A 110 -2.16 3.21 12.58
CA SER A 110 -2.24 3.46 11.16
C SER A 110 -1.95 4.87 10.76
N MET A 111 -1.45 5.05 9.54
N MET A 111 -1.45 5.04 9.54
CA MET A 111 -1.30 6.37 8.97
CA MET A 111 -1.23 6.38 8.97
C MET A 111 -2.61 6.95 8.54
C MET A 111 -2.51 6.96 8.35
N MET A 112 -3.42 6.12 7.89
CA MET A 112 -4.66 6.55 7.29
C MET A 112 -5.52 5.35 7.00
N ASP A 113 -6.79 5.60 6.70
CA ASP A 113 -7.73 4.55 6.29
C ASP A 113 -7.86 4.50 4.78
N GLY A 114 -7.88 3.27 4.29
CA GLY A 114 -8.14 3.02 2.88
C GLY A 114 -9.35 2.16 2.66
N GLY A 115 -9.55 1.82 1.39
CA GLY A 115 -10.62 0.94 1.01
C GLY A 115 -10.42 0.49 -0.44
N LEU A 116 -11.27 -0.40 -0.92
CA LEU A 116 -11.19 -0.85 -2.31
C LEU A 116 -12.11 -0.01 -3.19
N GLY A 117 -11.61 0.24 -4.38
CA GLY A 117 -12.43 0.83 -5.43
C GLY A 117 -12.22 0.09 -6.71
N ALA A 118 -13.30 0.02 -7.47
CA ALA A 118 -13.29 -0.61 -8.80
C ALA A 118 -13.31 0.53 -9.83
N LEU A 119 -12.20 0.72 -10.55
CA LEU A 119 -12.09 1.84 -11.47
C LEU A 119 -12.01 1.31 -12.91
N VAL A 120 -12.53 2.10 -13.85
CA VAL A 120 -12.66 1.66 -15.25
C VAL A 120 -12.60 2.88 -16.15
N LYS A 121 -12.19 2.66 -17.40
CA LYS A 121 -12.28 3.72 -18.44
C LYS A 121 -13.76 3.81 -18.86
N SER A 122 -14.35 4.97 -18.68
CA SER A 122 -15.80 5.13 -18.91
C SER A 122 -16.18 4.88 -20.36
N ASP A 123 -17.20 4.06 -20.55
CA ASP A 123 -17.73 3.72 -21.87
C ASP A 123 -19.12 4.30 -22.05
N GLY A 124 -19.62 4.97 -21.01
CA GLY A 124 -21.02 5.35 -20.97
C GLY A 124 -21.87 4.22 -20.40
N THR A 125 -21.67 3.01 -20.91
CA THR A 125 -22.34 1.82 -20.39
C THR A 125 -21.62 1.26 -19.16
N ASP A 126 -21.23 2.15 -18.25
CA ASP A 126 -20.53 1.72 -17.07
C ASP A 126 -21.49 0.96 -16.15
N LEU A 127 -20.90 0.10 -15.33
CA LEU A 127 -21.61 -0.65 -14.32
C LEU A 127 -21.97 0.25 -13.15
N SER A 128 -22.87 -0.21 -12.30
CA SER A 128 -23.35 0.62 -11.20
C SER A 128 -22.82 0.14 -9.85
N HIS A 129 -22.48 -1.15 -9.77
CA HIS A 129 -21.95 -1.71 -8.53
C HIS A 129 -20.92 -2.75 -8.91
N PRO A 130 -19.84 -2.87 -8.12
CA PRO A 130 -18.80 -3.84 -8.48
C PRO A 130 -19.23 -5.28 -8.64
N LEU A 131 -20.18 -5.75 -7.84
CA LEU A 131 -20.59 -7.14 -7.99
C LEU A 131 -21.34 -7.40 -9.30
N GLU A 132 -21.76 -6.36 -10.00
CA GLU A 132 -22.39 -6.54 -11.32
C GLU A 132 -21.38 -7.19 -12.29
N LEU A 133 -20.09 -7.18 -11.97
CA LEU A 133 -19.08 -7.84 -12.83
C LEU A 133 -19.35 -9.31 -13.02
N LEU A 134 -20.01 -9.90 -12.03
CA LEU A 134 -20.22 -11.32 -12.06
C LEU A 134 -21.31 -11.73 -13.02
N ASN A 135 -22.07 -10.79 -13.57
CA ASN A 135 -23.20 -11.19 -14.42
C ASN A 135 -23.16 -10.59 -15.81
N GLN A 136 -21.96 -10.28 -16.30
CA GLN A 136 -21.81 -9.62 -17.58
C GLN A 136 -20.57 -10.13 -18.27
N ASP A 137 -20.37 -9.75 -19.53
CA ASP A 137 -19.23 -10.21 -20.29
C ASP A 137 -18.57 -9.10 -21.11
N LYS A 138 -18.97 -7.86 -20.88
CA LYS A 138 -18.35 -6.73 -21.55
C LYS A 138 -16.99 -6.37 -20.96
N TYR A 139 -16.88 -6.44 -19.64
CA TYR A 139 -15.65 -6.02 -18.96
C TYR A 139 -14.92 -7.17 -18.35
N GLN A 140 -13.61 -7.22 -18.61
CA GLN A 140 -12.69 -7.99 -17.79
C GLN A 140 -12.43 -7.21 -16.49
N TRP A 141 -11.93 -7.89 -15.48
CA TRP A 141 -11.45 -7.17 -14.30
C TRP A 141 -10.20 -7.85 -13.77
N GLY A 142 -9.43 -7.10 -12.96
CA GLY A 142 -8.15 -7.55 -12.50
C GLY A 142 -7.74 -7.05 -11.13
N VAL A 143 -6.84 -7.80 -10.52
CA VAL A 143 -6.22 -7.47 -9.23
C VAL A 143 -4.74 -7.79 -9.33
N VAL A 144 -3.92 -7.15 -8.50
CA VAL A 144 -2.49 -7.46 -8.40
C VAL A 144 -2.24 -8.70 -7.57
N ASP A 145 -1.40 -9.59 -8.07
CA ASP A 145 -1.00 -10.74 -7.26
C ASP A 145 -0.24 -10.30 -6.05
N SER A 146 -0.51 -10.97 -4.92
CA SER A 146 0.24 -10.79 -3.66
C SER A 146 0.15 -9.36 -3.15
N ARG A 147 -0.99 -8.73 -3.36
CA ARG A 147 -1.29 -7.40 -2.83
C ARG A 147 -2.62 -7.50 -2.08
N ASN A 148 -2.89 -6.56 -1.18
CA ASN A 148 -4.04 -6.67 -0.29
C ASN A 148 -5.42 -6.84 -0.93
N PRO A 149 -5.76 -6.14 -2.04
CA PRO A 149 -7.10 -6.39 -2.57
C PRO A 149 -7.39 -7.85 -2.90
N GLU A 150 -6.47 -8.56 -3.56
N GLU A 150 -6.46 -8.57 -3.56
CA GLU A 150 -6.66 -9.98 -3.86
CA GLU A 150 -6.66 -9.99 -3.88
C GLU A 150 -6.82 -10.75 -2.56
C GLU A 150 -6.84 -10.73 -2.56
N LEU A 151 -5.97 -10.46 -1.58
CA LEU A 151 -5.94 -11.20 -0.32
C LEU A 151 -7.29 -10.98 0.37
N LEU A 152 -7.77 -9.73 0.43
N LEU A 152 -7.75 -9.73 0.38
CA LEU A 152 -9.09 -9.44 1.00
CA LEU A 152 -8.97 -9.39 1.07
C LEU A 152 -10.23 -10.10 0.36
C LEU A 152 -10.21 -10.00 0.38
N LEU A 153 -10.26 -10.02 -0.96
CA LEU A 153 -11.39 -10.53 -1.69
C LEU A 153 -11.41 -12.05 -1.56
N ALA A 154 -10.25 -12.70 -1.58
CA ALA A 154 -10.19 -14.17 -1.55
C ALA A 154 -10.46 -14.70 -0.16
N SER A 155 -10.23 -13.91 0.88
CA SER A 155 -10.41 -14.38 2.24
C SER A 155 -11.75 -13.94 2.82
N ASN A 156 -12.54 -13.19 2.05
CA ASN A 156 -13.74 -12.57 2.61
C ASN A 156 -14.84 -13.57 2.87
N GLN A 157 -15.68 -13.23 3.84
CA GLN A 157 -16.79 -14.10 4.21
C GLN A 157 -17.76 -14.20 3.07
N ASN A 158 -17.82 -13.17 2.22
CA ASN A 158 -18.78 -13.12 1.13
C ASN A 158 -18.29 -13.92 -0.07
N ALA A 159 -18.96 -15.01 -0.39
CA ALA A 159 -18.52 -15.80 -1.51
C ALA A 159 -18.56 -15.05 -2.86
N ASP A 160 -19.36 -13.98 -3.01
CA ASP A 160 -19.32 -13.23 -4.29
C ASP A 160 -17.98 -12.46 -4.43
N TYR A 161 -17.47 -11.87 -3.34
CA TYR A 161 -16.13 -11.26 -3.38
C TYR A 161 -15.08 -12.33 -3.67
N ASN A 162 -15.27 -13.55 -3.12
CA ASN A 162 -14.35 -14.63 -3.41
C ASN A 162 -14.33 -14.90 -4.90
N ARG A 163 -15.51 -14.86 -5.51
CA ARG A 163 -15.65 -15.16 -6.94
C ARG A 163 -15.00 -14.04 -7.77
N ILE A 164 -15.17 -12.80 -7.33
CA ILE A 164 -14.45 -11.69 -7.98
C ILE A 164 -12.93 -11.97 -8.01
N ALA A 165 -12.33 -12.43 -6.90
CA ALA A 165 -10.89 -12.64 -6.89
C ALA A 165 -10.53 -13.81 -7.77
N GLU A 166 -11.37 -14.85 -7.69
CA GLU A 166 -11.15 -16.10 -8.43
C GLU A 166 -11.06 -15.84 -9.93
N ASP A 167 -12.02 -15.08 -10.43
CA ASP A 167 -12.13 -14.88 -11.88
C ASP A 167 -11.39 -13.64 -12.39
N ALA A 168 -10.80 -12.87 -11.48
CA ALA A 168 -10.01 -11.74 -11.91
C ALA A 168 -8.76 -12.12 -12.69
N VAL A 169 -8.37 -11.28 -13.64
CA VAL A 169 -7.06 -11.32 -14.23
C VAL A 169 -6.07 -11.00 -13.11
N LYS A 170 -4.97 -11.74 -13.03
CA LYS A 170 -3.91 -11.46 -12.06
C LYS A 170 -2.75 -10.75 -12.73
N VAL A 171 -2.53 -9.49 -12.37
CA VAL A 171 -1.44 -8.71 -12.94
C VAL A 171 -0.26 -8.71 -11.98
N GLY A 172 0.94 -8.46 -12.50
CA GLY A 172 2.14 -8.60 -11.72
C GLY A 172 2.50 -7.39 -10.87
N SER A 173 1.89 -6.24 -11.17
CA SER A 173 2.19 -5.02 -10.44
C SER A 173 1.02 -4.06 -10.53
N TYR A 174 0.99 -3.13 -9.58
CA TYR A 174 0.03 -2.04 -9.56
C TYR A 174 0.07 -1.26 -10.86
N GLY A 175 1.29 -0.92 -11.30
CA GLY A 175 1.45 -0.20 -12.55
C GLY A 175 0.84 -0.90 -13.74
N GLU A 176 1.00 -2.21 -13.79
N GLU A 176 0.98 -2.23 -13.78
CA GLU A 176 0.42 -2.99 -14.87
CA GLU A 176 0.42 -3.00 -14.87
C GLU A 176 -1.09 -2.97 -14.82
C GLU A 176 -1.10 -2.99 -14.83
N GLY A 177 -1.68 -3.04 -13.63
CA GLY A 177 -3.13 -2.96 -13.53
C GLY A 177 -3.66 -1.62 -14.05
N LEU A 178 -2.99 -0.55 -13.67
CA LEU A 178 -3.40 0.79 -14.13
C LEU A 178 -3.28 0.90 -15.63
N GLU A 179 -2.22 0.33 -16.18
CA GLU A 179 -2.03 0.34 -17.62
C GLU A 179 -3.15 -0.38 -18.35
N ARG A 180 -3.51 -1.57 -17.86
CA ARG A 180 -4.59 -2.32 -18.50
C ARG A 180 -5.90 -1.57 -18.39
N MET A 181 -6.14 -0.96 -17.24
CA MET A 181 -7.35 -0.17 -17.07
C MET A 181 -7.42 1.00 -18.06
N ARG A 182 -6.31 1.72 -18.18
CA ARG A 182 -6.27 2.86 -19.09
C ARG A 182 -6.53 2.46 -20.54
N ALA A 183 -6.25 1.22 -20.90
CA ALA A 183 -6.45 0.74 -22.29
C ALA A 183 -7.90 0.42 -22.61
N GLY A 184 -8.73 0.35 -21.59
CA GLY A 184 -10.16 0.15 -21.74
C GLY A 184 -10.67 -1.28 -21.60
N GLY A 185 -11.94 -1.42 -21.28
CA GLY A 185 -12.53 -2.74 -21.20
C GLY A 185 -12.11 -3.57 -20.00
N PHE A 186 -11.53 -2.90 -19.01
CA PHE A 186 -10.87 -3.59 -17.90
C PHE A 186 -11.08 -2.81 -16.61
N VAL A 187 -11.73 -3.45 -15.62
CA VAL A 187 -11.96 -2.86 -14.30
C VAL A 187 -10.81 -3.28 -13.38
N PHE A 188 -10.10 -2.31 -12.87
CA PHE A 188 -9.02 -2.55 -11.93
C PHE A 188 -9.55 -2.33 -10.54
N ILE A 189 -9.46 -3.36 -9.70
CA ILE A 189 -9.92 -3.27 -8.33
C ILE A 189 -8.69 -3.14 -7.43
N ASP A 190 -8.51 -1.96 -6.84
CA ASP A 190 -7.36 -1.72 -5.98
C ASP A 190 -7.71 -0.67 -4.94
N GLU A 191 -6.71 0.00 -4.39
CA GLU A 191 -6.88 0.72 -3.13
C GLU A 191 -7.01 2.21 -3.27
N ILE A 192 -8.03 2.69 -2.56
N ILE A 192 -8.03 2.75 -2.62
CA ILE A 192 -8.28 4.09 -2.24
CA ILE A 192 -8.13 4.17 -2.40
C ILE A 192 -7.49 4.43 -0.97
C ILE A 192 -7.44 4.44 -1.07
N PRO A 193 -6.91 5.64 -0.87
CA PRO A 193 -6.90 6.78 -1.80
C PRO A 193 -5.87 6.71 -2.89
N GLY A 194 -4.92 5.81 -2.77
CA GLY A 194 -3.79 5.83 -3.69
C GLY A 194 -4.18 5.80 -5.15
N ILE A 195 -5.16 4.97 -5.52
CA ILE A 195 -5.54 4.90 -6.92
C ILE A 195 -6.18 6.20 -7.41
N ASN A 196 -6.70 7.03 -6.52
CA ASN A 196 -7.21 8.32 -6.94
C ASN A 196 -6.06 9.27 -7.20
N TYR A 197 -4.95 9.16 -6.47
CA TYR A 197 -3.76 9.90 -6.80
C TYR A 197 -3.23 9.44 -8.17
N ALA A 198 -3.16 8.13 -8.37
CA ALA A 198 -2.55 7.54 -9.57
C ALA A 198 -3.29 7.95 -10.83
N THR A 199 -4.59 8.23 -10.70
CA THR A 199 -5.44 8.61 -11.83
C THR A 199 -5.89 10.04 -11.81
N LYS A 200 -5.22 10.86 -11.03
CA LYS A 200 -5.55 12.28 -10.92
C LYS A 200 -5.49 12.93 -12.31
N GLY A 201 -6.58 13.58 -12.67
CA GLY A 201 -6.66 14.29 -13.94
C GLY A 201 -7.04 13.47 -15.15
N GLU A 202 -7.25 12.16 -14.97
CA GLU A 202 -7.64 11.29 -16.08
C GLU A 202 -9.16 11.28 -16.11
N CYS A 203 -9.75 12.21 -16.88
CA CYS A 203 -11.19 12.42 -16.84
C CYS A 203 -12.00 11.21 -17.34
N ASP A 204 -11.39 10.35 -18.15
CA ASP A 204 -12.10 9.19 -18.65
C ASP A 204 -12.20 8.01 -17.63
N ILE A 205 -11.56 8.17 -16.47
CA ILE A 205 -11.51 7.09 -15.47
C ILE A 205 -12.58 7.39 -14.46
N VAL A 206 -13.44 6.42 -14.20
CA VAL A 206 -14.48 6.56 -13.18
C VAL A 206 -14.49 5.38 -12.22
N GLN A 207 -15.10 5.62 -11.06
CA GLN A 207 -15.27 4.58 -10.06
C GLN A 207 -16.66 3.97 -10.16
N ILE A 208 -16.71 2.66 -10.17
CA ILE A 208 -17.99 1.95 -10.18
C ILE A 208 -18.58 1.81 -8.78
N GLY A 209 -19.68 2.48 -8.53
CA GLY A 209 -20.29 2.39 -7.22
C GLY A 209 -19.44 3.00 -6.13
N GLU A 210 -19.64 2.49 -4.93
CA GLU A 210 -19.03 3.01 -3.73
C GLU A 210 -17.74 2.26 -3.35
N THR A 211 -16.89 2.91 -2.58
N THR A 211 -16.91 2.90 -2.57
CA THR A 211 -15.73 2.28 -1.95
CA THR A 211 -15.75 2.23 -2.00
C THR A 211 -16.25 1.16 -1.07
C THR A 211 -16.20 1.19 -1.01
N PHE A 212 -15.49 0.08 -0.96
CA PHE A 212 -15.90 -1.07 -0.18
C PHE A 212 -14.73 -1.72 0.54
N GLN A 213 -15.04 -2.49 1.57
CA GLN A 213 -14.06 -3.27 2.33
C GLN A 213 -12.89 -2.38 2.84
N PRO A 214 -13.19 -1.49 3.77
CA PRO A 214 -12.14 -0.63 4.29
C PRO A 214 -11.08 -1.38 5.08
N PHE A 215 -9.90 -0.74 5.17
CA PHE A 215 -8.79 -1.30 5.92
C PHE A 215 -7.88 -0.15 6.34
N GLU A 216 -7.15 -0.35 7.41
CA GLU A 216 -6.08 0.57 7.81
C GLU A 216 -4.84 0.35 6.96
N LEU A 217 -4.09 1.42 6.74
CA LEU A 217 -2.79 1.44 6.08
C LEU A 217 -1.79 1.78 7.16
N ALA A 218 -0.77 0.96 7.36
CA ALA A 218 0.13 1.11 8.49
C ALA A 218 1.51 0.61 8.16
N PHE A 219 2.43 0.67 9.11
CA PHE A 219 3.73 0.00 8.98
C PHE A 219 3.61 -1.40 9.53
N GLY A 220 4.47 -2.31 9.04
CA GLY A 220 4.53 -3.69 9.47
C GLY A 220 5.73 -3.99 10.34
N LEU A 221 5.52 -4.78 11.42
CA LEU A 221 6.58 -5.10 12.36
C LEU A 221 6.46 -6.55 12.73
N ARG A 222 7.57 -7.19 13.11
CA ARG A 222 7.45 -8.53 13.68
C ARG A 222 6.68 -8.46 14.98
N LYS A 223 6.02 -9.57 15.31
CA LYS A 223 5.38 -9.67 16.62
C LYS A 223 6.41 -9.47 17.75
N ASN A 224 5.95 -8.86 18.82
CA ASN A 224 6.75 -8.65 20.03
C ASN A 224 7.92 -7.72 19.83
N SER A 225 7.78 -6.81 18.88
CA SER A 225 8.85 -5.87 18.63
C SER A 225 9.05 -4.93 19.79
N PRO A 226 10.32 -4.76 20.19
CA PRO A 226 10.54 -3.84 21.30
C PRO A 226 10.36 -2.39 20.93
N PHE A 227 10.29 -2.03 19.65
CA PHE A 227 10.16 -0.63 19.31
C PHE A 227 8.75 -0.27 18.79
N LYS A 228 7.81 -1.23 18.84
CA LYS A 228 6.45 -0.93 18.38
C LYS A 228 5.79 0.23 19.15
N ASN A 229 5.90 0.25 20.47
CA ASN A 229 5.22 1.30 21.18
C ASN A 229 5.75 2.68 20.84
N LEU A 230 7.05 2.83 20.60
CA LEU A 230 7.62 4.11 20.22
C LEU A 230 7.18 4.53 18.82
N VAL A 231 7.11 3.58 17.90
CA VAL A 231 6.61 3.85 16.55
C VAL A 231 5.17 4.32 16.62
N ASP A 232 4.37 3.59 17.38
CA ASP A 232 2.93 3.93 17.52
C ASP A 232 2.72 5.33 18.08
N THR A 233 3.48 5.71 19.10
CA THR A 233 3.35 7.02 19.71
C THR A 233 3.73 8.09 18.71
N PHE A 234 4.83 7.88 17.97
CA PHE A 234 5.21 8.85 16.97
C PHE A 234 4.14 8.98 15.89
N MET A 235 3.63 7.85 15.38
CA MET A 235 2.66 7.92 14.33
C MET A 235 1.40 8.63 14.77
N LEU A 236 0.97 8.37 15.98
CA LEU A 236 -0.23 9.00 16.49
C LEU A 236 -0.05 10.50 16.56
N GLY A 237 1.11 10.96 16.94
CA GLY A 237 1.30 12.40 17.04
C GLY A 237 1.15 13.08 15.71
N ILE A 238 1.80 12.57 14.67
CA ILE A 238 1.69 13.20 13.35
C ILE A 238 0.31 12.95 12.73
N ARG A 239 -0.39 11.87 13.08
CA ARG A 239 -1.73 11.70 12.58
C ARG A 239 -2.68 12.68 13.21
N GLU A 240 -2.66 12.76 14.53
CA GLU A 240 -3.60 13.64 15.28
C GLU A 240 -3.35 15.11 14.93
N GLN A 241 -2.10 15.49 14.71
CA GLN A 241 -1.78 16.88 14.32
C GLN A 241 -2.14 17.26 12.92
N GLY A 242 -2.47 16.28 12.09
CA GLY A 242 -2.77 16.56 10.69
C GLY A 242 -1.59 16.55 9.74
N VAL A 243 -0.42 16.13 10.25
CA VAL A 243 0.81 16.16 9.47
C VAL A 243 0.74 15.16 8.34
N ILE A 244 0.20 13.97 8.60
CA ILE A 244 0.10 12.97 7.54
C ILE A 244 -0.85 13.45 6.45
N SER A 245 -2.01 14.02 6.83
CA SER A 245 -2.90 14.61 5.84
C SER A 245 -2.26 15.69 5.04
N GLU A 246 -1.47 16.55 5.69
CA GLU A 246 -0.78 17.62 4.98
C GLU A 246 0.28 17.11 4.02
N LEU A 247 1.01 16.06 4.40
CA LEU A 247 1.99 15.45 3.47
C LEU A 247 1.29 14.88 2.27
N TYR A 248 0.20 14.16 2.50
CA TYR A 248 -0.51 13.55 1.39
C TYR A 248 -0.99 14.63 0.43
N ALA A 249 -1.59 15.66 0.97
CA ALA A 249 -2.06 16.77 0.13
C ALA A 249 -0.94 17.44 -0.62
N LYS A 250 0.24 17.60 0.00
CA LYS A 250 1.36 18.19 -0.69
C LYS A 250 1.74 17.38 -1.93
N TYR A 251 1.83 16.06 -1.80
CA TYR A 251 2.19 15.25 -2.95
C TYR A 251 1.10 15.19 -3.99
N GLU A 252 -0.16 15.18 -3.55
CA GLU A 252 -1.31 15.21 -4.47
C GLU A 252 -1.27 16.49 -5.31
N ASN A 253 -0.92 17.59 -4.67
CA ASN A 253 -0.84 18.87 -5.39
C ASN A 253 0.41 19.02 -6.26
N GLN A 254 1.49 18.31 -5.96
CA GLN A 254 2.69 18.32 -6.78
C GLN A 254 2.45 17.61 -8.11
N LYS A 255 1.41 16.78 -8.18
CA LYS A 255 1.17 16.03 -9.41
C LYS A 255 0.34 16.90 -10.36
#